data_9AYO
#
_entry.id   9AYO
#
_cell.length_a   51.040
_cell.length_b   52.510
_cell.length_c   54.098
_cell.angle_alpha   90.00
_cell.angle_beta   90.00
_cell.angle_gamma   90.00
#
_symmetry.space_group_name_H-M   'P 21 21 21'
#
loop_
_entity.id
_entity.type
_entity.pdbx_description
1 polymer 'ATP-dependent Clp protease adapter protein ClpS'
2 non-polymer PHENYLALANINE
3 non-polymer ALANINE
4 non-polymer 'NICKEL (II) ION'
5 non-polymer 'MAGNESIUM ION'
6 water water
#
_entity_poly.entity_id   1
_entity_poly.type   'polypeptide(L)'
_entity_poly.pdbx_seq_one_letter_code
;ESTEAPWVTIVWDDPVNLMSYVTYVFQKLFGYSEPHATKLMLQVHNEGKAVVSAGSRESMEVDVSKLHAAGLWATMQQDR
;
_entity_poly.pdbx_strand_id   A,B
#
# COMPACT_ATOMS: atom_id res chain seq x y z
N PRO A 6 6.67 -13.16 -4.64
CA PRO A 6 5.69 -12.46 -3.80
C PRO A 6 4.33 -12.34 -4.48
N TRP A 7 3.28 -12.25 -3.68
CA TRP A 7 1.90 -12.16 -4.16
C TRP A 7 1.27 -10.89 -3.64
N VAL A 8 0.09 -10.57 -4.18
CA VAL A 8 -0.68 -9.41 -3.76
C VAL A 8 -2.14 -9.81 -3.64
N THR A 9 -2.86 -9.14 -2.74
CA THR A 9 -4.30 -9.27 -2.63
C THR A 9 -4.94 -8.05 -3.29
N ILE A 10 -5.91 -8.31 -4.17
CA ILE A 10 -6.60 -7.27 -4.92
C ILE A 10 -8.05 -7.26 -4.48
N VAL A 11 -8.57 -6.07 -4.20
CA VAL A 11 -10.00 -5.88 -3.95
C VAL A 11 -10.61 -5.25 -5.18
N TRP A 12 -11.78 -5.75 -5.58
CA TRP A 12 -12.45 -5.34 -6.79
C TRP A 12 -13.71 -4.56 -6.43
N ASP A 13 -13.99 -3.53 -7.22
CA ASP A 13 -15.18 -2.71 -6.98
C ASP A 13 -16.43 -3.55 -7.16
N ASP A 14 -17.44 -3.30 -6.31
CA ASP A 14 -18.72 -3.97 -6.40
C ASP A 14 -19.81 -2.95 -6.10
N PRO A 15 -21.02 -3.16 -6.65
CA PRO A 15 -22.06 -2.12 -6.57
C PRO A 15 -22.86 -2.12 -5.28
N VAL A 16 -22.65 -3.07 -4.36
CA VAL A 16 -23.49 -3.22 -3.18
C VAL A 16 -22.82 -2.62 -1.95
N ASN A 17 -21.58 -2.99 -1.67
CA ASN A 17 -20.92 -2.57 -0.43
C ASN A 17 -20.79 -1.05 -0.37
N LEU A 18 -21.00 -0.51 0.81
CA LEU A 18 -20.89 0.93 1.02
C LEU A 18 -19.43 1.36 1.04
N MET A 19 -19.17 2.53 0.46
CA MET A 19 -17.83 3.10 0.54
C MET A 19 -17.35 3.17 1.99
N SER A 20 -18.22 3.61 2.89
CA SER A 20 -17.84 3.72 4.29
C SER A 20 -17.50 2.36 4.87
N TYR A 21 -18.24 1.31 4.46
CA TYR A 21 -17.96 -0.02 4.95
C TYR A 21 -16.58 -0.50 4.52
N VAL A 22 -16.23 -0.26 3.25
CA VAL A 22 -14.95 -0.75 2.74
C VAL A 22 -13.80 -0.10 3.49
N THR A 23 -13.88 1.22 3.71
CA THR A 23 -12.86 1.90 4.51
C THR A 23 -12.73 1.25 5.89
N TYR A 24 -13.87 0.99 6.54
CA TYR A 24 -13.83 0.36 7.86
C TYR A 24 -13.20 -1.03 7.78
N VAL A 25 -13.57 -1.82 6.79
CA VAL A 25 -13.04 -3.18 6.68
C VAL A 25 -11.52 -3.15 6.54
N PHE A 26 -11.00 -2.21 5.75
CA PHE A 26 -9.55 -2.13 5.58
C PHE A 26 -8.86 -1.79 6.89
N GLN A 27 -9.46 -0.93 7.71
CA GLN A 27 -8.88 -0.63 9.01
C GLN A 27 -8.99 -1.83 9.95
N LYS A 28 -10.16 -2.49 9.97
CA LYS A 28 -10.38 -3.58 10.91
C LYS A 28 -9.52 -4.79 10.57
N LEU A 29 -9.43 -5.14 9.29
CA LEU A 29 -8.77 -6.39 8.92
C LEU A 29 -7.25 -6.23 8.82
N PHE A 30 -6.76 -5.04 8.51
CA PHE A 30 -5.33 -4.82 8.28
C PHE A 30 -4.70 -3.82 9.23
N GLY A 31 -5.48 -3.19 10.10
CA GLY A 31 -4.93 -2.19 11.00
C GLY A 31 -4.48 -0.92 10.33
N TYR A 32 -4.90 -0.70 9.08
CA TYR A 32 -4.51 0.51 8.37
C TYR A 32 -5.17 1.73 8.98
N SER A 33 -4.51 2.87 8.83
CA SER A 33 -5.07 4.13 9.31
C SER A 33 -6.26 4.54 8.44
N GLU A 34 -7.02 5.52 8.93
CA GLU A 34 -8.15 6.01 8.16
C GLU A 34 -7.72 6.63 6.83
N PRO A 35 -6.73 7.51 6.78
CA PRO A 35 -6.30 8.03 5.47
C PRO A 35 -5.83 6.94 4.52
N HIS A 36 -5.11 5.94 5.04
CA HIS A 36 -4.65 4.83 4.20
C HIS A 36 -5.82 4.01 3.70
N ALA A 37 -6.73 3.62 4.60
CA ALA A 37 -7.87 2.82 4.21
C ALA A 37 -8.74 3.57 3.20
N THR A 38 -9.01 4.85 3.45
CA THR A 38 -9.81 5.63 2.52
C THR A 38 -9.13 5.72 1.16
N LYS A 39 -7.82 5.94 1.13
CA LYS A 39 -7.11 6.01 -0.14
C LYS A 39 -7.26 4.72 -0.93
N LEU A 40 -7.13 3.57 -0.26
CA LEU A 40 -7.31 2.30 -0.95
C LEU A 40 -8.75 2.14 -1.41
N MET A 41 -9.72 2.47 -0.56
CA MET A 41 -11.11 2.36 -0.96
C MET A 41 -11.39 3.19 -2.20
N LEU A 42 -10.86 4.41 -2.24
CA LEU A 42 -11.11 5.26 -3.40
C LEU A 42 -10.39 4.76 -4.65
N GLN A 43 -9.19 4.18 -4.47
CA GLN A 43 -8.50 3.60 -5.62
C GLN A 43 -9.33 2.47 -6.23
N VAL A 44 -9.90 1.61 -5.39
CA VAL A 44 -10.80 0.56 -5.89
C VAL A 44 -11.97 1.18 -6.63
N HIS A 45 -12.62 2.17 -6.02
CA HIS A 45 -13.85 2.70 -6.59
C HIS A 45 -13.57 3.43 -7.91
N ASN A 46 -12.42 4.09 -8.01
CA ASN A 46 -12.12 4.90 -9.18
C ASN A 46 -11.40 4.13 -10.27
N GLU A 47 -10.59 3.14 -9.91
CA GLU A 47 -9.86 2.34 -10.88
C GLU A 47 -10.48 0.96 -11.10
N GLY A 48 -11.45 0.57 -10.28
CA GLY A 48 -12.07 -0.74 -10.39
C GLY A 48 -11.39 -1.82 -9.58
N LYS A 49 -10.14 -1.61 -9.17
CA LYS A 49 -9.41 -2.59 -8.36
C LYS A 49 -8.23 -1.87 -7.74
N ALA A 50 -7.65 -2.51 -6.72
CA ALA A 50 -6.46 -1.97 -6.08
C ALA A 50 -5.80 -3.05 -5.24
N VAL A 51 -4.47 -3.07 -5.25
CA VAL A 51 -3.72 -3.90 -4.32
C VAL A 51 -3.91 -3.36 -2.91
N VAL A 52 -4.36 -4.22 -2.00
CA VAL A 52 -4.56 -3.83 -0.61
C VAL A 52 -3.53 -4.42 0.34
N SER A 53 -2.80 -5.45 -0.07
CA SER A 53 -1.76 -6.04 0.77
C SER A 53 -0.82 -6.84 -0.13
N ALA A 54 0.34 -7.19 0.43
CA ALA A 54 1.36 -7.90 -0.31
C ALA A 54 2.14 -8.80 0.63
N GLY A 55 2.63 -9.90 0.09
CA GLY A 55 3.40 -10.85 0.88
C GLY A 55 3.47 -12.20 0.19
N SER A 56 3.74 -13.22 0.99
CA SER A 56 3.82 -14.58 0.47
C SER A 56 2.44 -15.05 0.00
N ARG A 57 2.45 -16.05 -0.87
CA ARG A 57 1.19 -16.64 -1.33
C ARG A 57 0.34 -17.08 -0.15
N GLU A 58 0.95 -17.74 0.84
CA GLU A 58 0.18 -18.21 2.00
C GLU A 58 -0.40 -17.04 2.78
N SER A 59 0.36 -15.94 2.90
CA SER A 59 -0.15 -14.77 3.62
C SER A 59 -1.33 -14.14 2.89
N MET A 60 -1.24 -14.03 1.56
CA MET A 60 -2.34 -13.45 0.80
C MET A 60 -3.57 -14.35 0.82
N GLU A 61 -3.38 -15.67 0.89
CA GLU A 61 -4.53 -16.56 1.01
C GLU A 61 -5.38 -16.19 2.22
N VAL A 62 -4.74 -15.84 3.33
CA VAL A 62 -5.48 -15.44 4.53
C VAL A 62 -6.21 -14.12 4.30
N ASP A 63 -5.52 -13.14 3.73
CA ASP A 63 -6.15 -11.85 3.48
C ASP A 63 -7.38 -11.99 2.59
N VAL A 64 -7.29 -12.80 1.54
CA VAL A 64 -8.45 -13.05 0.68
C VAL A 64 -9.59 -13.62 1.50
N SER A 65 -9.31 -14.66 2.30
CA SER A 65 -10.36 -15.29 3.10
C SER A 65 -10.98 -14.29 4.07
N LYS A 66 -10.14 -13.46 4.71
CA LYS A 66 -10.67 -12.45 5.63
C LYS A 66 -11.58 -11.48 4.89
N LEU A 67 -11.18 -11.05 3.69
CA LEU A 67 -11.98 -10.10 2.94
C LEU A 67 -13.29 -10.73 2.46
N HIS A 68 -13.24 -11.98 2.02
CA HIS A 68 -14.47 -12.67 1.62
C HIS A 68 -15.46 -12.75 2.77
N ALA A 69 -14.96 -13.05 3.98
CA ALA A 69 -15.86 -13.13 5.13
C ALA A 69 -16.52 -11.79 5.41
N ALA A 70 -15.84 -10.69 5.11
CA ALA A 70 -16.41 -9.36 5.26
C ALA A 70 -17.35 -8.99 4.11
N GLY A 71 -17.40 -9.81 3.06
CA GLY A 71 -18.30 -9.56 1.96
C GLY A 71 -17.70 -8.77 0.81
N LEU A 72 -16.38 -8.65 0.74
CA LEU A 72 -15.72 -7.90 -0.32
C LEU A 72 -15.17 -8.84 -1.38
N TRP A 73 -15.12 -8.34 -2.61
CA TRP A 73 -14.59 -9.13 -3.73
C TRP A 73 -13.08 -9.03 -3.71
N ALA A 74 -12.41 -10.11 -3.30
CA ALA A 74 -10.96 -10.12 -3.20
C ALA A 74 -10.40 -11.33 -3.94
N THR A 75 -9.26 -11.12 -4.60
CA THR A 75 -8.51 -12.20 -5.23
C THR A 75 -7.04 -11.96 -4.94
N MET A 76 -6.21 -12.95 -5.29
CA MET A 76 -4.77 -12.81 -5.14
C MET A 76 -4.09 -13.29 -6.42
N GLN A 77 -2.90 -12.75 -6.66
CA GLN A 77 -2.13 -13.13 -7.84
C GLN A 77 -0.67 -12.82 -7.56
N GLN A 78 0.21 -13.52 -8.30
CA GLN A 78 1.63 -13.29 -8.17
C GLN A 78 1.98 -11.89 -8.66
N ASP A 79 2.92 -11.25 -7.97
CA ASP A 79 3.36 -9.91 -8.34
C ASP A 79 4.50 -10.02 -9.36
N ARG A 80 4.34 -9.33 -10.49
CA ARG A 80 5.33 -9.39 -11.56
C ARG A 80 6.49 -8.45 -11.30
N ALA B 5 -2.88 2.98 -16.65
CA ALA B 5 -2.28 1.86 -15.94
C ALA B 5 -1.85 2.28 -14.53
N PRO B 6 -1.88 1.37 -13.55
CA PRO B 6 -1.40 1.71 -12.22
C PRO B 6 0.11 1.79 -12.18
N TRP B 7 0.63 2.52 -11.21
CA TRP B 7 2.08 2.67 -11.00
C TRP B 7 2.37 2.46 -9.52
N VAL B 8 3.66 2.36 -9.17
CA VAL B 8 4.09 2.17 -7.78
C VAL B 8 5.30 3.05 -7.50
N THR B 9 5.43 3.50 -6.25
CA THR B 9 6.62 4.19 -5.78
C THR B 9 7.43 3.24 -4.91
N ILE B 10 8.73 3.16 -5.18
CA ILE B 10 9.64 2.26 -4.48
C ILE B 10 10.65 3.10 -3.74
N VAL B 11 10.87 2.78 -2.47
CA VAL B 11 11.91 3.40 -1.65
C VAL B 11 13.09 2.44 -1.56
N TRP B 12 14.30 2.98 -1.62
CA TRP B 12 15.53 2.19 -1.61
C TRP B 12 16.33 2.51 -0.36
N ASP B 13 16.97 1.48 0.18
CA ASP B 13 17.80 1.65 1.37
C ASP B 13 18.96 2.59 1.08
N ASP B 14 19.27 3.45 2.05
CA ASP B 14 20.39 4.37 1.97
C ASP B 14 21.16 4.32 3.28
N PRO B 15 22.44 4.72 3.26
CA PRO B 15 23.28 4.57 4.46
C PRO B 15 23.31 5.78 5.38
N VAL B 16 22.47 6.79 5.17
CA VAL B 16 22.51 8.03 5.94
C VAL B 16 21.29 8.16 6.85
N ASN B 17 20.11 7.90 6.32
CA ASN B 17 18.88 8.20 7.05
C ASN B 17 18.69 7.23 8.21
N LEU B 18 18.19 7.76 9.32
CA LEU B 18 17.86 6.93 10.47
C LEU B 18 16.60 6.12 10.18
N MET B 19 16.59 4.88 10.68
CA MET B 19 15.39 4.07 10.59
C MET B 19 14.18 4.80 11.15
N SER B 20 14.35 5.48 12.28
CA SER B 20 13.22 6.19 12.89
C SER B 20 12.74 7.33 11.99
N TYR B 21 13.65 7.98 11.26
CA TYR B 21 13.24 9.03 10.34
C TYR B 21 12.38 8.46 9.22
N VAL B 22 12.79 7.32 8.65
CA VAL B 22 12.05 6.73 7.55
C VAL B 22 10.63 6.39 7.97
N THR B 23 10.49 5.76 9.14
CA THR B 23 9.15 5.46 9.66
C THR B 23 8.32 6.72 9.75
N TYR B 24 8.89 7.78 10.34
CA TYR B 24 8.17 9.04 10.46
C TYR B 24 7.78 9.59 9.10
N VAL B 25 8.72 9.59 8.15
CA VAL B 25 8.44 10.13 6.83
C VAL B 25 7.29 9.39 6.17
N PHE B 26 7.26 8.05 6.31
CA PHE B 26 6.17 7.28 5.72
C PHE B 26 4.83 7.67 6.34
N GLN B 27 4.81 7.94 7.64
CA GLN B 27 3.57 8.40 8.27
C GLN B 27 3.20 9.81 7.81
N LYS B 28 4.20 10.69 7.71
CA LYS B 28 3.92 12.08 7.35
C LYS B 28 3.42 12.19 5.92
N LEU B 29 4.09 11.51 4.98
CA LEU B 29 3.77 11.70 3.58
C LEU B 29 2.54 10.91 3.15
N PHE B 30 2.31 9.73 3.72
CA PHE B 30 1.24 8.86 3.28
C PHE B 30 0.14 8.67 4.31
N GLY B 31 0.32 9.16 5.54
CA GLY B 31 -0.71 9.01 6.55
C GLY B 31 -0.86 7.61 7.09
N TYR B 32 0.12 6.74 6.85
CA TYR B 32 0.03 5.36 7.30
C TYR B 32 0.06 5.29 8.82
N SER B 33 -0.52 4.21 9.35
CA SER B 33 -0.38 3.92 10.77
C SER B 33 1.08 3.65 11.09
N GLU B 34 1.42 3.78 12.37
CA GLU B 34 2.80 3.57 12.79
C GLU B 34 3.28 2.16 12.52
N PRO B 35 2.50 1.10 12.80
CA PRO B 35 2.98 -0.25 12.48
C PRO B 35 3.22 -0.47 10.99
N HIS B 36 2.32 0.00 10.13
CA HIS B 36 2.52 -0.20 8.70
C HIS B 36 3.73 0.57 8.19
N ALA B 37 3.90 1.81 8.67
CA ALA B 37 5.09 2.57 8.31
C ALA B 37 6.36 1.83 8.75
N THR B 38 6.35 1.27 9.95
CA THR B 38 7.50 0.51 10.42
C THR B 38 7.72 -0.74 9.57
N LYS B 39 6.64 -1.43 9.22
CA LYS B 39 6.74 -2.61 8.35
C LYS B 39 7.46 -2.26 7.07
N LEU B 40 7.03 -1.19 6.40
CA LEU B 40 7.65 -0.81 5.13
C LEU B 40 9.11 -0.41 5.33
N MET B 41 9.40 0.37 6.38
CA MET B 41 10.78 0.75 6.66
C MET B 41 11.66 -0.48 6.83
N LEU B 42 11.18 -1.47 7.57
CA LEU B 42 11.98 -2.68 7.78
C LEU B 42 12.15 -3.45 6.48
N GLN B 43 11.12 -3.47 5.63
CA GLN B 43 11.24 -4.15 4.35
C GLN B 43 12.31 -3.50 3.47
N VAL B 44 12.32 -2.17 3.41
CA VAL B 44 13.40 -1.48 2.70
C VAL B 44 14.75 -1.88 3.29
N HIS B 45 14.85 -1.89 4.62
CA HIS B 45 16.14 -2.11 5.26
C HIS B 45 16.62 -3.54 5.06
N ASN B 46 15.71 -4.51 5.17
CA ASN B 46 16.10 -5.92 5.09
C ASN B 46 16.23 -6.39 3.65
N GLU B 47 15.30 -5.99 2.78
CA GLU B 47 15.29 -6.43 1.39
C GLU B 47 15.98 -5.45 0.44
N GLY B 48 16.29 -4.24 0.91
CA GLY B 48 16.93 -3.25 0.08
C GLY B 48 16.00 -2.31 -0.65
N LYS B 49 14.71 -2.66 -0.74
CA LYS B 49 13.73 -1.85 -1.44
C LYS B 49 12.35 -2.30 -1.02
N ALA B 50 11.37 -1.46 -1.27
CA ALA B 50 9.99 -1.82 -0.98
C ALA B 50 9.05 -0.86 -1.69
N VAL B 51 7.90 -1.40 -2.11
CA VAL B 51 6.81 -0.57 -2.61
C VAL B 51 6.17 0.13 -1.42
N VAL B 52 6.13 1.47 -1.47
CA VAL B 52 5.56 2.25 -0.38
C VAL B 52 4.24 2.90 -0.73
N SER B 53 3.90 3.02 -2.02
CA SER B 53 2.63 3.62 -2.42
CA SER B 53 2.64 3.62 -2.42
C SER B 53 2.31 3.15 -3.83
N ALA B 54 1.06 3.31 -4.21
CA ALA B 54 0.59 2.91 -5.53
C ALA B 54 -0.58 3.77 -5.93
N GLY B 55 -0.74 3.94 -7.24
CA GLY B 55 -1.79 4.78 -7.79
C GLY B 55 -1.45 5.18 -9.21
N SER B 56 -1.97 6.34 -9.61
CA SER B 56 -1.72 6.83 -10.95
C SER B 56 -0.27 7.30 -11.08
N ARG B 57 0.21 7.32 -12.33
CA ARG B 57 1.56 7.83 -12.59
C ARG B 57 1.75 9.22 -12.00
N GLU B 58 0.75 10.10 -12.18
CA GLU B 58 0.88 11.46 -11.67
C GLU B 58 1.02 11.47 -10.15
N SER B 59 0.22 10.66 -9.46
CA SER B 59 0.32 10.59 -8.01
C SER B 59 1.67 10.07 -7.57
N MET B 60 2.18 9.05 -8.27
CA MET B 60 3.48 8.49 -7.90
C MET B 60 4.60 9.49 -8.16
N GLU B 61 4.48 10.27 -9.24
CA GLU B 61 5.47 11.31 -9.50
C GLU B 61 5.58 12.26 -8.30
N VAL B 62 4.46 12.61 -7.69
CA VAL B 62 4.47 13.52 -6.55
C VAL B 62 5.02 12.81 -5.32
N ASP B 63 4.63 11.55 -5.11
CA ASP B 63 5.17 10.80 -3.98
C ASP B 63 6.69 10.71 -4.08
N VAL B 64 7.22 10.49 -5.28
CA VAL B 64 8.67 10.47 -5.47
C VAL B 64 9.27 11.81 -5.08
N SER B 65 8.68 12.89 -5.57
CA SER B 65 9.22 14.22 -5.28
C SER B 65 9.17 14.52 -3.79
N LYS B 66 8.06 14.15 -3.13
CA LYS B 66 7.96 14.36 -1.69
C LYS B 66 9.04 13.59 -0.95
N LEU B 67 9.26 12.34 -1.33
CA LEU B 67 10.28 11.52 -0.67
C LEU B 67 11.67 12.09 -0.93
N HIS B 68 11.95 12.52 -2.15
CA HIS B 68 13.24 13.13 -2.45
C HIS B 68 13.47 14.35 -1.58
N ALA B 69 12.45 15.20 -1.45
CA ALA B 69 12.60 16.40 -0.62
C ALA B 69 12.84 16.03 0.83
N ALA B 70 12.30 14.91 1.29
CA ALA B 70 12.51 14.45 2.65
C ALA B 70 13.89 13.82 2.85
N GLY B 71 14.65 13.61 1.78
CA GLY B 71 15.96 13.02 1.88
C GLY B 71 16.03 11.53 1.60
N LEU B 72 14.94 10.92 1.17
CA LEU B 72 14.92 9.50 0.87
C LEU B 72 15.10 9.27 -0.62
N TRP B 73 15.51 8.04 -0.95
CA TRP B 73 15.75 7.65 -2.34
C TRP B 73 14.54 6.88 -2.83
N ALA B 74 13.84 7.42 -3.82
CA ALA B 74 12.61 6.82 -4.31
C ALA B 74 12.59 6.84 -5.83
N THR B 75 12.01 5.79 -6.40
CA THR B 75 11.75 5.68 -7.83
C THR B 75 10.31 5.24 -8.02
N MET B 76 9.85 5.31 -9.26
CA MET B 76 8.52 4.82 -9.62
C MET B 76 8.64 3.93 -10.86
N GLN B 77 7.70 2.99 -10.97
CA GLN B 77 7.65 2.12 -12.13
C GLN B 77 6.21 1.69 -12.34
N GLN B 78 5.91 1.30 -13.58
CA GLN B 78 4.54 0.91 -13.92
C GLN B 78 4.25 -0.48 -13.35
N ASP B 79 3.08 -0.62 -12.73
CA ASP B 79 2.68 -1.90 -12.17
C ASP B 79 2.07 -2.78 -13.25
N ARG B 80 2.03 -4.08 -12.97
CA ARG B 80 1.47 -5.05 -13.90
C ARG B 80 0.51 -6.00 -13.19
#